data_7UA7
#
_entry.id   7UA7
#
_cell.length_a   56.844
_cell.length_b   58.747
_cell.length_c   76.290
_cell.angle_alpha   90.000
_cell.angle_beta   90.000
_cell.angle_gamma   90.000
#
_symmetry.space_group_name_H-M   'P 2 21 21'
#
loop_
_entity.id
_entity.type
_entity.pdbx_description
1 polymer 'Carbapenem-hydrolyzing beta-lactamase KPC'
2 non-polymer GLYCEROL
3 non-polymer 'tert-butyl {(3R)-3-[(1H-tetrazol-5-yl)carbamoyl]-1-[3-(trifluoromethyl)benzoyl]-2,3-dihydro-1H-indol-3-yl}carbamate'
4 water water
#
_entity_poly.entity_id   1
_entity_poly.type   'polypeptide(L)'
_entity_poly.pdbx_seq_one_letter_code
;GSHMLTNLVAEPFAKLEQDFGGSIGVYAMDTGSGATVSYRAEERFPLCSSFKGFLAAAVLARSQQQAGLLDTPIRYGKNA
LVPWSPISEKYLTTGMTVAELSAAAVQYSDNAAANLLLKELGGPAGLTAFMRSIGDTTFRLDRWELELNSAIPGDARDTS
SPRAVTESLQKLTLGSALAAPQRQQFVDWLKGNTTGNHRIRAAVPADWAVGDKTGTCGVYGTANDYAVVWPTGRAPIVLA
VYTRAPNKDDKHSEAVIAAAARLALEGLGVNG
;
_entity_poly.pdbx_strand_id   A
#
loop_
_chem_comp.id
_chem_comp.type
_chem_comp.name
_chem_comp.formula
GOL non-polymer GLYCEROL 'C3 H8 O3'
M53 non-polymer 'tert-butyl {(3R)-3-[(1H-tetrazol-5-yl)carbamoyl]-1-[3-(trifluoromethyl)benzoyl]-2,3-dihydro-1H-indol-3-yl}carbamate' 'C23 H22 F3 N7 O4'
#
# COMPACT_ATOMS: atom_id res chain seq x y z
N GLY A 1 24.71 -0.62 18.05
CA GLY A 1 24.68 -0.10 16.69
C GLY A 1 23.76 -0.88 15.77
N SER A 2 23.83 -0.57 14.47
CA SER A 2 23.04 -1.21 13.44
C SER A 2 21.54 -0.98 13.65
N HIS A 3 20.99 -1.49 14.76
CA HIS A 3 19.62 -1.25 15.15
C HIS A 3 19.48 -0.04 16.07
N MET A 4 20.43 0.89 16.02
CA MET A 4 20.40 2.02 16.93
C MET A 4 19.23 2.95 16.64
N LEU A 5 18.92 3.16 15.35
CA LEU A 5 17.78 4.00 15.00
C LEU A 5 16.48 3.37 15.44
N THR A 6 16.35 2.04 15.31
CA THR A 6 15.14 1.36 15.77
C THR A 6 14.91 1.60 17.26
N ASN A 7 15.94 1.42 18.08
CA ASN A 7 15.80 1.62 19.51
C ASN A 7 15.63 3.08 19.88
N LEU A 8 16.04 4.00 19.00
CA LEU A 8 15.79 5.42 19.23
C LEU A 8 14.31 5.71 19.43
N VAL A 9 13.47 5.05 18.64
CA VAL A 9 12.04 5.33 18.62
C VAL A 9 11.22 4.19 19.20
N ALA A 10 11.87 3.21 19.82
CA ALA A 10 11.16 2.06 20.35
C ALA A 10 10.15 2.46 21.42
N GLU A 11 10.58 3.29 22.37
CA GLU A 11 9.66 3.69 23.45
C GLU A 11 8.53 4.58 22.95
N PRO A 12 8.77 5.61 22.13
CA PRO A 12 7.63 6.40 21.63
C PRO A 12 6.64 5.58 20.79
N PHE A 13 7.13 4.62 20.00
CA PHE A 13 6.23 3.77 19.23
C PHE A 13 5.33 2.95 20.15
N ALA A 14 5.92 2.35 21.20
CA ALA A 14 5.13 1.56 22.13
C ALA A 14 4.09 2.41 22.85
N LYS A 15 4.44 3.67 23.14
CA LYS A 15 3.48 4.57 23.75
C LYS A 15 2.34 4.90 22.79
N LEU A 16 2.66 5.08 21.51
CA LEU A 16 1.64 5.42 20.53
C LEU A 16 0.67 4.28 20.32
N GLU A 17 1.18 3.03 20.28
CA GLU A 17 0.29 1.89 20.10
C GLU A 17 -0.46 1.55 21.38
N GLN A 18 0.02 1.99 22.54
CA GLN A 18 -0.75 1.85 23.77
C GLN A 18 -1.94 2.80 23.79
N ASP A 19 -1.71 4.07 23.41
CA ASP A 19 -2.81 5.02 23.32
C ASP A 19 -3.81 4.61 22.26
N PHE A 20 -3.34 3.97 21.18
CA PHE A 20 -4.23 3.53 20.12
C PHE A 20 -5.09 2.36 20.56
N GLY A 21 -4.57 1.49 21.41
CA GLY A 21 -5.29 0.31 21.84
C GLY A 21 -5.12 -0.89 20.95
N GLY A 22 -4.07 -0.94 20.16
CA GLY A 22 -3.81 -2.05 19.27
C GLY A 22 -2.34 -2.16 18.98
N SER A 23 -2.02 -2.72 17.82
CA SER A 23 -0.65 -2.90 17.38
C SER A 23 -0.35 -2.00 16.18
N ILE A 24 0.85 -1.46 16.14
CA ILE A 24 1.31 -0.63 15.03
C ILE A 24 2.58 -1.26 14.46
N GLY A 25 2.58 -1.50 13.16
CA GLY A 25 3.77 -1.99 12.47
C GLY A 25 4.33 -0.96 11.52
N VAL A 26 5.61 -0.63 11.67
CA VAL A 26 6.24 0.41 10.87
C VAL A 26 7.57 -0.11 10.32
N TYR A 27 7.83 0.18 9.05
CA TYR A 27 9.15 0.02 8.46
C TYR A 27 9.42 1.21 7.57
N ALA A 28 10.65 1.71 7.60
CA ALA A 28 11.02 2.88 6.81
C ALA A 28 12.50 2.79 6.50
N MET A 29 12.86 3.06 5.24
CA MET A 29 14.26 3.03 4.83
C MET A 29 14.61 4.32 4.11
N ASP A 30 15.75 4.90 4.48
CA ASP A 30 16.33 6.03 3.76
C ASP A 30 17.20 5.46 2.65
N THR A 31 16.72 5.58 1.40
CA THR A 31 17.42 4.97 0.28
C THR A 31 18.79 5.60 0.03
N GLY A 32 19.10 6.73 0.65
CA GLY A 32 20.44 7.27 0.60
C GLY A 32 21.32 6.65 1.66
N SER A 33 20.89 6.77 2.93
CA SER A 33 21.71 6.27 4.03
C SER A 33 21.79 4.74 4.03
N GLY A 34 20.73 4.07 3.61
CA GLY A 34 20.53 2.69 3.98
C GLY A 34 20.00 2.53 5.38
N ALA A 35 19.72 3.63 6.07
CA ALA A 35 19.23 3.59 7.44
C ALA A 35 17.79 3.10 7.47
N THR A 36 17.48 2.22 8.43
CA THR A 36 16.15 1.66 8.58
C THR A 36 15.65 1.87 10.00
N VAL A 37 14.33 1.99 10.12
CA VAL A 37 13.64 2.02 11.41
C VAL A 37 12.61 0.90 11.39
N SER A 38 12.60 0.10 12.46
CA SER A 38 11.75 -1.09 12.53
C SER A 38 10.94 -1.07 13.82
N TYR A 39 9.64 -1.32 13.68
CA TYR A 39 8.79 -1.57 14.84
C TYR A 39 7.68 -2.52 14.41
N ARG A 40 7.73 -3.76 14.90
CA ARG A 40 6.81 -4.81 14.47
C ARG A 40 6.85 -5.01 12.96
N ALA A 41 7.99 -4.68 12.33
CA ALA A 41 8.05 -4.61 10.88
C ALA A 41 7.97 -5.98 10.22
N GLU A 42 8.19 -7.05 10.95
CA GLU A 42 8.12 -8.41 10.41
C GLU A 42 6.85 -9.14 10.81
N GLU A 43 5.95 -8.48 11.51
CA GLU A 43 4.67 -9.06 11.90
C GLU A 43 3.65 -8.87 10.77
N ARG A 44 2.75 -9.83 10.64
CA ARG A 44 1.73 -9.76 9.61
C ARG A 44 0.60 -8.81 10.02
N PHE A 45 0.14 -8.02 9.06
CA PHE A 45 -1.00 -7.12 9.21
C PHE A 45 -1.89 -7.29 7.99
N PRO A 46 -3.20 -7.15 8.15
CA PRO A 46 -4.09 -7.21 6.98
C PRO A 46 -3.72 -6.15 5.95
N LEU A 47 -3.71 -6.55 4.67
CA LEU A 47 -3.39 -5.60 3.62
C LEU A 47 -4.54 -4.63 3.39
N CYS A 48 -5.78 -5.12 3.51
CA CYS A 48 -6.97 -4.38 3.14
C CYS A 48 -6.80 -3.85 1.71
N SER A 49 -7.21 -2.59 1.48
CA SER A 49 -7.17 -2.02 0.13
C SER A 49 -5.75 -1.80 -0.38
N SER A 50 -4.74 -1.84 0.49
CA SER A 50 -3.38 -1.51 0.06
C SER A 50 -2.82 -2.50 -0.96
N PHE A 51 -3.42 -3.68 -1.09
CA PHE A 51 -3.00 -4.59 -2.14
C PHE A 51 -3.20 -4.01 -3.53
N GLY A 53 -2.29 -1.27 -4.82
CA GLY A 53 -1.09 -0.70 -5.39
C GLY A 53 -0.24 -1.74 -6.09
N PHE A 54 0.05 -2.84 -5.40
CA PHE A 54 0.83 -3.91 -6.01
C PHE A 54 0.08 -4.57 -7.16
N LEU A 55 -1.25 -4.60 -7.08
CA LEU A 55 -2.05 -5.07 -8.21
C LEU A 55 -1.77 -4.25 -9.47
N ALA A 56 -1.68 -2.92 -9.32
CA ALA A 56 -1.39 -2.06 -10.46
C ALA A 56 0.03 -2.30 -10.98
N ALA A 57 0.98 -2.56 -10.08
CA ALA A 57 2.33 -2.87 -10.51
C ALA A 57 2.38 -4.19 -11.29
N ALA A 58 1.63 -5.19 -10.82
CA ALA A 58 1.56 -6.45 -11.54
C ALA A 58 0.99 -6.26 -12.94
N VAL A 59 -0.03 -5.39 -13.06
CA VAL A 59 -0.59 -5.10 -14.38
C VAL A 59 0.45 -4.42 -15.26
N LEU A 60 1.22 -3.50 -14.68
CA LEU A 60 2.26 -2.82 -15.45
C LEU A 60 3.34 -3.79 -15.89
N ALA A 61 3.70 -4.74 -15.04
CA ALA A 61 4.71 -5.74 -15.41
C ALA A 61 4.23 -6.60 -16.56
N ARG A 62 2.97 -7.03 -16.52
CA ARG A 62 2.42 -7.84 -17.60
C ARG A 62 2.36 -7.08 -18.91
N SER A 63 2.09 -5.77 -18.84
CA SER A 63 2.01 -4.97 -20.06
C SER A 63 3.35 -4.86 -20.78
N GLN A 64 4.46 -5.15 -20.08
CA GLN A 64 5.75 -5.22 -20.76
C GLN A 64 5.81 -6.41 -21.70
N GLN A 65 5.18 -7.53 -21.33
CA GLN A 65 5.19 -8.74 -22.15
C GLN A 65 4.10 -8.73 -23.21
N GLN A 66 3.00 -8.02 -22.99
CA GLN A 66 1.85 -8.03 -23.89
C GLN A 66 1.57 -6.61 -24.34
N ALA A 67 1.93 -6.31 -25.59
CA ALA A 67 1.72 -4.97 -26.14
C ALA A 67 0.24 -4.59 -26.11
N GLY A 68 -0.01 -3.31 -25.84
CA GLY A 68 -1.36 -2.79 -25.87
C GLY A 68 -2.26 -3.19 -24.72
N LEU A 69 -1.69 -3.75 -23.64
CA LEU A 69 -2.51 -4.19 -22.52
C LEU A 69 -3.20 -3.01 -21.83
N LEU A 70 -2.45 -1.94 -21.58
CA LEU A 70 -3.00 -0.82 -20.83
C LEU A 70 -4.15 -0.14 -21.55
N ASP A 71 -4.16 -0.18 -22.88
CA ASP A 71 -5.20 0.47 -23.67
C ASP A 71 -6.39 -0.43 -23.95
N THR A 72 -6.34 -1.70 -23.56
CA THR A 72 -7.44 -2.61 -23.85
C THR A 72 -8.70 -2.17 -23.10
N PRO A 73 -9.82 -2.02 -23.78
CA PRO A 73 -11.07 -1.68 -23.08
C PRO A 73 -11.69 -2.90 -22.41
N ILE A 74 -12.22 -2.68 -21.22
CA ILE A 74 -12.87 -3.73 -20.43
C ILE A 74 -14.33 -3.33 -20.26
N ARG A 75 -15.23 -4.20 -20.70
CA ARG A 75 -16.66 -3.99 -20.52
C ARG A 75 -17.17 -4.93 -19.44
N TYR A 76 -18.06 -4.43 -18.60
CA TYR A 76 -18.52 -5.16 -17.43
C TYR A 76 -19.97 -4.79 -17.13
N GLY A 77 -20.69 -5.75 -16.54
CA GLY A 77 -22.08 -5.55 -16.19
C GLY A 77 -22.27 -5.04 -14.77
N LYS A 78 -23.55 -4.87 -14.41
CA LYS A 78 -23.88 -4.37 -13.08
C LYS A 78 -23.50 -5.37 -11.99
N ASN A 79 -23.51 -6.67 -12.32
CA ASN A 79 -23.11 -7.68 -11.33
C ASN A 79 -21.64 -7.57 -10.97
N ALA A 80 -20.81 -7.01 -11.85
CA ALA A 80 -19.41 -6.79 -11.51
C ALA A 80 -19.22 -5.66 -10.51
N LEU A 81 -20.18 -4.76 -10.41
CA LEU A 81 -20.07 -3.67 -9.44
C LEU A 81 -20.16 -4.23 -8.02
N VAL A 82 -19.26 -3.77 -7.17
CA VAL A 82 -19.31 -4.08 -5.73
C VAL A 82 -19.29 -2.76 -4.99
N PRO A 83 -19.76 -2.74 -3.73
CA PRO A 83 -19.85 -1.47 -3.00
C PRO A 83 -18.52 -0.71 -3.00
N TRP A 84 -18.63 0.61 -2.97
CA TRP A 84 -17.48 1.52 -3.01
C TRP A 84 -16.65 1.29 -4.27
N SER A 85 -17.29 1.57 -5.40
CA SER A 85 -16.63 1.65 -6.71
C SER A 85 -17.00 3.01 -7.30
N PRO A 86 -16.48 4.10 -6.75
CA PRO A 86 -16.95 5.43 -7.15
C PRO A 86 -16.53 5.82 -8.56
N ILE A 87 -15.57 5.12 -9.16
CA ILE A 87 -15.14 5.43 -10.51
C ILE A 87 -15.85 4.51 -11.49
N SER A 88 -15.70 3.20 -11.32
CA SER A 88 -16.18 2.24 -12.31
C SER A 88 -17.69 2.24 -12.45
N GLU A 89 -18.44 2.70 -11.44
CA GLU A 89 -19.89 2.80 -11.59
C GLU A 89 -20.29 3.97 -12.49
N LYS A 90 -19.41 4.94 -12.70
CA LYS A 90 -19.68 6.02 -13.64
C LYS A 90 -19.46 5.61 -15.09
N TYR A 91 -18.80 4.47 -15.33
CA TYR A 91 -18.51 4.00 -16.67
C TYR A 91 -19.11 2.63 -16.94
N LEU A 92 -20.13 2.24 -16.18
CA LEU A 92 -20.78 0.95 -16.37
C LEU A 92 -21.34 0.82 -17.79
N THR A 93 -21.96 1.88 -18.28
CA THR A 93 -22.58 1.84 -19.60
C THR A 93 -21.60 2.10 -20.73
N THR A 94 -20.32 2.30 -20.43
CA THR A 94 -19.33 2.56 -21.48
C THR A 94 -18.14 1.63 -21.42
N GLY A 95 -17.69 1.22 -20.23
CA GLY A 95 -16.47 0.47 -20.08
C GLY A 95 -15.27 1.36 -19.81
N MET A 96 -14.17 0.73 -19.42
CA MET A 96 -12.93 1.43 -19.13
C MET A 96 -11.75 0.64 -19.67
N THR A 97 -10.63 1.34 -19.85
CA THR A 97 -9.40 0.66 -20.24
C THR A 97 -8.72 0.07 -19.01
N VAL A 98 -7.80 -0.85 -19.27
CA VAL A 98 -7.06 -1.51 -18.19
C VAL A 98 -6.29 -0.48 -17.37
N ALA A 99 -5.68 0.50 -18.03
CA ALA A 99 -4.95 1.53 -17.31
C ALA A 99 -5.88 2.37 -16.45
N GLU A 100 -7.08 2.66 -16.96
CA GLU A 100 -8.04 3.44 -16.19
C GLU A 100 -8.53 2.65 -14.98
N LEU A 101 -8.76 1.34 -15.15
CA LEU A 101 -9.10 0.51 -14.01
C LEU A 101 -7.97 0.50 -12.98
N SER A 102 -6.73 0.49 -13.45
CA SER A 102 -5.58 0.53 -12.55
C SER A 102 -5.54 1.84 -11.78
N ALA A 103 -5.63 2.97 -12.50
CA ALA A 103 -5.60 4.27 -11.84
C ALA A 103 -6.74 4.40 -10.83
N ALA A 104 -7.93 3.90 -11.17
CA ALA A 104 -9.04 3.95 -10.23
C ALA A 104 -8.78 3.09 -9.00
N ALA A 105 -8.16 1.92 -9.20
CA ALA A 105 -7.87 1.05 -8.06
C ALA A 105 -6.83 1.69 -7.13
N VAL A 106 -5.85 2.39 -7.69
CA VAL A 106 -4.81 3.00 -6.88
C VAL A 106 -5.31 4.29 -6.23
N GLN A 107 -5.96 5.15 -7.01
CA GLN A 107 -6.23 6.51 -6.56
C GLN A 107 -7.57 6.66 -5.88
N TYR A 108 -8.49 5.71 -6.04
CA TYR A 108 -9.78 5.77 -5.38
C TYR A 108 -10.15 4.47 -4.67
N SER A 109 -9.26 3.48 -4.64
CA SER A 109 -9.53 2.17 -4.03
C SER A 109 -10.79 1.55 -4.62
N ASP A 110 -11.01 1.79 -5.91
CA ASP A 110 -12.21 1.29 -6.58
C ASP A 110 -12.26 -0.23 -6.50
N ASN A 111 -13.30 -0.75 -5.85
CA ASN A 111 -13.37 -2.19 -5.58
C ASN A 111 -13.69 -2.98 -6.84
N ALA A 112 -14.66 -2.50 -7.64
CA ALA A 112 -14.99 -3.21 -8.87
C ALA A 112 -13.82 -3.20 -9.84
N ALA A 113 -13.07 -2.09 -9.89
CA ALA A 113 -11.89 -2.04 -10.75
C ALA A 113 -10.83 -3.04 -10.29
N ALA A 114 -10.62 -3.15 -8.98
CA ALA A 114 -9.61 -4.07 -8.47
C ALA A 114 -9.97 -5.52 -8.79
N ASN A 115 -11.25 -5.88 -8.61
CA ASN A 115 -11.66 -7.26 -8.87
C ASN A 115 -11.56 -7.59 -10.35
N LEU A 116 -11.84 -6.62 -11.22
CA LEU A 116 -11.68 -6.83 -12.66
C LEU A 116 -10.21 -7.07 -13.01
N LEU A 117 -9.31 -6.28 -12.44
CA LEU A 117 -7.89 -6.48 -12.69
C LEU A 117 -7.39 -7.78 -12.07
N LEU A 118 -7.94 -8.17 -10.92
CA LEU A 118 -7.55 -9.43 -10.31
C LEU A 118 -7.84 -10.61 -11.24
N LYS A 119 -9.00 -10.59 -11.91
CA LYS A 119 -9.32 -11.67 -12.82
C LYS A 119 -8.39 -11.67 -14.03
N GLU A 120 -7.96 -10.48 -14.47
CA GLU A 120 -7.02 -10.40 -15.58
C GLU A 120 -5.72 -11.12 -15.28
N LEU A 121 -5.27 -11.06 -14.03
CA LEU A 121 -3.97 -11.56 -13.64
C LEU A 121 -4.01 -13.00 -13.10
N GLY A 122 -5.18 -13.59 -12.99
CA GLY A 122 -5.33 -14.93 -12.48
C GLY A 122 -5.87 -15.05 -11.06
N GLY A 123 -6.52 -14.00 -10.55
CA GLY A 123 -7.04 -14.01 -9.20
C GLY A 123 -5.97 -13.68 -8.18
N PRO A 124 -6.31 -13.82 -6.89
CA PRO A 124 -5.32 -13.52 -5.84
C PRO A 124 -4.05 -14.34 -5.96
N ALA A 125 -4.12 -15.54 -6.51
CA ALA A 125 -2.90 -16.35 -6.68
C ALA A 125 -1.98 -15.74 -7.73
N GLY A 126 -2.56 -15.14 -8.77
CA GLY A 126 -1.74 -14.48 -9.77
C GLY A 126 -0.99 -13.28 -9.21
N LEU A 127 -1.68 -12.47 -8.39
CA LEU A 127 -1.01 -11.33 -7.76
C LEU A 127 0.06 -11.80 -6.79
N THR A 128 -0.22 -12.85 -6.02
CA THR A 128 0.79 -13.42 -5.14
C THR A 128 1.96 -13.96 -5.95
N ALA A 129 1.67 -14.59 -7.09
CA ALA A 129 2.73 -15.09 -7.97
C ALA A 129 3.63 -13.96 -8.45
N PHE A 130 3.04 -12.81 -8.77
CA PHE A 130 3.87 -11.69 -9.21
C PHE A 130 4.79 -11.21 -8.11
N MET A 131 4.29 -11.14 -6.87
CA MET A 131 5.12 -10.68 -5.77
C MET A 131 6.26 -11.66 -5.49
N ARG A 132 6.03 -12.95 -5.67
CA ARG A 132 7.13 -13.91 -5.55
C ARG A 132 8.20 -13.64 -6.61
N SER A 133 7.79 -13.25 -7.82
CA SER A 133 8.73 -13.06 -8.91
C SER A 133 9.68 -11.89 -8.68
N ILE A 134 9.34 -10.95 -7.80
CA ILE A 134 10.23 -9.84 -7.48
C ILE A 134 10.93 -10.04 -6.13
N GLY A 135 10.77 -11.22 -5.53
CA GLY A 135 11.49 -11.56 -4.32
C GLY A 135 10.73 -11.41 -3.02
N ASP A 136 9.43 -11.10 -3.08
CA ASP A 136 8.61 -10.95 -1.89
C ASP A 136 8.04 -12.33 -1.55
N THR A 137 8.50 -12.92 -0.43
CA THR A 137 8.01 -14.20 0.04
C THR A 137 7.04 -14.06 1.21
N THR A 138 6.70 -12.83 1.59
CA THR A 138 5.78 -12.57 2.69
C THR A 138 4.36 -12.30 2.21
N PHE A 139 4.21 -11.47 1.18
CA PHE A 139 2.91 -11.12 0.65
C PHE A 139 2.10 -12.36 0.30
N ARG A 140 0.82 -12.32 0.66
CA ARG A 140 -0.13 -13.29 0.15
C ARG A 140 -1.49 -12.63 0.05
N LEU A 141 -2.10 -12.73 -1.12
CA LEU A 141 -3.50 -12.39 -1.33
C LEU A 141 -4.27 -13.69 -1.51
N ASP A 142 -5.41 -13.79 -0.85
CA ASP A 142 -6.17 -15.03 -0.82
C ASP A 142 -7.60 -14.90 -1.31
N ARG A 143 -8.22 -13.74 -1.14
CA ARG A 143 -9.62 -13.54 -1.45
C ARG A 143 -9.78 -12.27 -2.29
N TRP A 144 -11.02 -11.99 -2.69
CA TRP A 144 -11.35 -10.83 -3.49
C TRP A 144 -12.01 -9.76 -2.64
N GLU A 145 -12.22 -8.59 -3.24
CA GLU A 145 -13.04 -7.58 -2.60
C GLU A 145 -14.49 -8.05 -2.59
N LEU A 146 -15.15 -7.96 -1.44
CA LEU A 146 -14.60 -7.30 -0.25
C LEU A 146 -14.28 -8.27 0.88
N GLU A 147 -14.26 -9.57 0.59
CA GLU A 147 -14.01 -10.56 1.62
C GLU A 147 -12.61 -10.44 2.22
N LEU A 148 -11.66 -9.87 1.48
CA LEU A 148 -10.29 -9.78 1.99
C LEU A 148 -10.14 -8.81 3.16
N ASN A 149 -11.21 -8.09 3.51
CA ASN A 149 -11.15 -7.07 4.55
C ASN A 149 -11.54 -7.59 5.93
N SER A 150 -11.77 -8.89 6.08
CA SER A 150 -12.28 -9.40 7.35
C SER A 150 -11.30 -9.17 8.49
N ALA A 151 -10.00 -9.19 8.22
CA ALA A 151 -8.97 -8.76 9.17
C ALA A 151 -9.05 -9.51 10.50
N ILE A 152 -9.32 -10.80 10.42
CA ILE A 152 -9.55 -11.61 11.63
C ILE A 152 -8.23 -11.74 12.40
N PRO A 153 -8.24 -11.56 13.72
CA PRO A 153 -7.01 -11.75 14.50
C PRO A 153 -6.41 -13.14 14.30
N GLY A 154 -5.11 -13.18 14.03
CA GLY A 154 -4.39 -14.42 13.81
C GLY A 154 -4.51 -15.00 12.41
N ASP A 155 -5.34 -14.41 11.55
CA ASP A 155 -5.56 -14.94 10.21
C ASP A 155 -4.50 -14.39 9.27
N ALA A 156 -3.68 -15.27 8.70
CA ALA A 156 -2.62 -14.87 7.79
C ALA A 156 -3.12 -14.55 6.39
N ARG A 157 -4.37 -14.90 6.06
CA ARG A 157 -4.91 -14.62 4.74
C ARG A 157 -4.90 -13.12 4.46
N ASP A 158 -4.51 -12.76 3.23
CA ASP A 158 -4.56 -11.37 2.76
C ASP A 158 -3.76 -10.44 3.68
N THR A 159 -2.55 -10.86 4.01
CA THR A 159 -1.67 -10.09 4.87
C THR A 159 -0.30 -9.97 4.22
N SER A 160 0.52 -9.10 4.81
CA SER A 160 1.96 -9.04 4.56
C SER A 160 2.58 -8.30 5.73
N SER A 161 3.87 -8.01 5.64
CA SER A 161 4.53 -7.30 6.72
C SER A 161 4.92 -5.89 6.27
N PRO A 162 5.01 -4.94 7.21
CA PRO A 162 5.48 -3.60 6.81
C PRO A 162 6.85 -3.61 6.14
N ARG A 163 7.75 -4.49 6.57
CA ARG A 163 9.07 -4.56 5.95
C ARG A 163 8.98 -5.06 4.51
N ALA A 164 8.24 -6.16 4.30
CA ALA A 164 8.12 -6.71 2.95
C ALA A 164 7.39 -5.73 2.03
N VAL A 165 6.34 -5.08 2.55
CA VAL A 165 5.65 -4.05 1.78
C VAL A 165 6.63 -2.97 1.34
N THR A 166 7.43 -2.47 2.29
CA THR A 166 8.39 -1.43 1.99
C THR A 166 9.44 -1.92 1.01
N GLU A 167 9.98 -3.12 1.23
CA GLU A 167 10.96 -3.68 0.30
C GLU A 167 10.36 -3.88 -1.09
N SER A 168 9.11 -4.32 -1.15
CA SER A 168 8.46 -4.51 -2.44
C SER A 168 8.20 -3.16 -3.11
N LEU A 169 7.74 -2.17 -2.35
CA LEU A 169 7.47 -0.85 -2.91
C LEU A 169 8.74 -0.23 -3.48
N GLN A 170 9.87 -0.43 -2.80
CA GLN A 170 11.13 0.15 -3.27
C GLN A 170 11.58 -0.49 -4.58
N LYS A 171 11.47 -1.81 -4.68
CA LYS A 171 11.84 -2.49 -5.93
C LYS A 171 10.99 -1.99 -7.08
N LEU A 172 9.71 -1.69 -6.82
CA LEU A 172 8.78 -1.35 -7.88
C LEU A 172 8.87 0.13 -8.27
N THR A 173 9.08 1.01 -7.29
CA THR A 173 9.11 2.44 -7.59
C THR A 173 10.51 2.99 -7.82
N LEU A 174 11.52 2.41 -7.20
CA LEU A 174 12.88 2.93 -7.28
C LEU A 174 13.88 1.96 -7.88
N GLY A 175 13.69 0.66 -7.73
CA GLY A 175 14.58 -0.33 -8.27
C GLY A 175 14.27 -0.69 -9.70
N SER A 176 14.53 -1.94 -10.06
CA SER A 176 14.41 -2.39 -11.45
C SER A 176 13.42 -3.55 -11.60
N ALA A 177 12.48 -3.69 -10.66
CA ALA A 177 11.45 -4.72 -10.82
C ALA A 177 10.53 -4.41 -12.00
N LEU A 178 10.35 -3.13 -12.32
CA LEU A 178 9.60 -2.69 -13.48
C LEU A 178 10.51 -1.94 -14.43
N ALA A 179 10.23 -2.05 -15.73
CA ALA A 179 10.96 -1.29 -16.72
C ALA A 179 10.71 0.20 -16.54
N ALA A 180 11.62 1.02 -17.06
CA ALA A 180 11.63 2.46 -16.77
C ALA A 180 10.32 3.15 -17.10
N PRO A 181 9.67 2.95 -18.26
CA PRO A 181 8.37 3.60 -18.47
C PRO A 181 7.31 3.12 -17.49
N GLN A 182 7.28 1.82 -17.20
CA GLN A 182 6.27 1.29 -16.28
C GLN A 182 6.52 1.76 -14.86
N ARG A 183 7.80 1.84 -14.45
CA ARG A 183 8.12 2.33 -13.12
C ARG A 183 7.60 3.75 -12.91
N GLN A 184 7.84 4.63 -13.88
CA GLN A 184 7.38 6.00 -13.77
C GLN A 184 5.85 6.07 -13.76
N GLN A 185 5.19 5.20 -14.53
CA GLN A 185 3.73 5.16 -14.52
C GLN A 185 3.19 4.74 -13.17
N PHE A 186 3.77 3.69 -12.59
CA PHE A 186 3.41 3.28 -11.23
C PHE A 186 3.58 4.45 -10.25
N VAL A 187 4.71 5.16 -10.36
CA VAL A 187 4.95 6.32 -9.50
C VAL A 187 3.86 7.37 -9.71
N ASP A 188 3.49 7.63 -10.97
CA ASP A 188 2.49 8.66 -11.24
C ASP A 188 1.12 8.29 -10.67
N TRP A 189 0.74 7.02 -10.76
CA TRP A 189 -0.53 6.59 -10.19
C TRP A 189 -0.54 6.79 -8.68
N LEU A 190 0.56 6.44 -8.01
CA LEU A 190 0.63 6.62 -6.56
C LEU A 190 0.61 8.10 -6.19
N LYS A 191 1.26 8.94 -6.98
CA LYS A 191 1.28 10.37 -6.68
C LYS A 191 -0.12 10.96 -6.72
N GLY A 192 -0.96 10.48 -7.63
CA GLY A 192 -2.32 10.98 -7.78
C GLY A 192 -3.35 10.36 -6.87
N ASN A 193 -2.93 9.64 -5.83
CA ASN A 193 -3.88 9.03 -4.92
C ASN A 193 -4.66 10.10 -4.15
N THR A 194 -5.97 9.88 -4.00
CA THR A 194 -6.84 10.86 -3.36
C THR A 194 -7.28 10.47 -1.97
N THR A 195 -6.92 9.27 -1.49
CA THR A 195 -7.45 8.76 -0.23
C THR A 195 -6.48 8.87 0.94
N GLY A 196 -5.26 9.35 0.72
CA GLY A 196 -4.26 9.33 1.79
C GLY A 196 -3.87 10.68 2.36
N ASN A 197 -4.75 11.67 2.25
CA ASN A 197 -4.40 13.02 2.67
C ASN A 197 -4.18 13.12 4.18
N HIS A 198 -4.84 12.27 4.96
CA HIS A 198 -4.75 12.35 6.42
C HIS A 198 -3.82 11.28 7.01
N ARG A 199 -2.99 10.65 6.18
CA ARG A 199 -2.09 9.62 6.69
C ARG A 199 -0.64 10.03 6.48
N ILE A 200 0.10 9.31 5.62
CA ILE A 200 1.52 9.62 5.46
C ILE A 200 1.71 11.03 4.92
N ARG A 201 0.83 11.47 4.02
CA ARG A 201 0.93 12.82 3.46
C ARG A 201 0.82 13.87 4.55
N ALA A 202 0.01 13.63 5.58
CA ALA A 202 -0.14 14.57 6.68
C ALA A 202 1.08 14.62 7.59
N ALA A 203 2.09 13.79 7.34
CA ALA A 203 3.27 13.72 8.18
C ALA A 203 4.52 14.30 7.55
N VAL A 204 4.47 14.69 6.27
CA VAL A 204 5.65 15.18 5.57
C VAL A 204 5.53 16.69 5.35
N PRO A 205 6.63 17.41 5.16
CA PRO A 205 6.54 18.83 4.81
C PRO A 205 5.79 19.04 3.50
N ALA A 206 5.31 20.27 3.32
CA ALA A 206 4.42 20.57 2.21
C ALA A 206 5.10 20.44 0.85
N ASP A 207 6.42 20.66 0.79
CA ASP A 207 7.13 20.64 -0.47
C ASP A 207 7.59 19.25 -0.90
N TRP A 208 7.39 18.24 -0.06
CA TRP A 208 7.79 16.89 -0.41
C TRP A 208 6.82 16.28 -1.42
N ALA A 209 7.36 15.56 -2.40
CA ALA A 209 6.55 14.78 -3.32
C ALA A 209 6.26 13.42 -2.70
N VAL A 210 5.00 12.99 -2.81
CA VAL A 210 4.53 11.78 -2.13
C VAL A 210 3.72 10.95 -3.09
N GLY A 211 4.02 9.65 -3.15
CA GLY A 211 3.13 8.68 -3.76
C GLY A 211 2.76 7.62 -2.73
N ASP A 212 1.47 7.33 -2.57
CA ASP A 212 1.05 6.44 -1.50
C ASP A 212 -0.15 5.61 -1.94
N LYS A 213 -0.42 4.56 -1.17
CA LYS A 213 -1.62 3.75 -1.33
C LYS A 213 -2.12 3.35 0.04
N THR A 214 -3.40 3.62 0.30
CA THR A 214 -3.99 3.38 1.61
C THR A 214 -4.70 2.03 1.64
N GLY A 215 -5.04 1.61 2.86
CA GLY A 215 -5.88 0.46 3.08
C GLY A 215 -6.72 0.66 4.32
N THR A 216 -7.99 0.23 4.26
CA THR A 216 -8.91 0.40 5.38
C THR A 216 -9.89 -0.77 5.36
N CYS A 217 -9.71 -1.71 6.30
CA CYS A 217 -10.55 -2.89 6.35
C CYS A 217 -11.94 -2.57 6.92
N GLY A 218 -12.03 -1.56 7.78
CA GLY A 218 -13.30 -1.20 8.39
C GLY A 218 -13.64 -1.95 9.67
N VAL A 219 -12.79 -2.89 10.09
CA VAL A 219 -13.00 -3.65 11.31
C VAL A 219 -11.66 -3.82 12.00
N TYR A 220 -11.73 -4.21 13.29
CA TYR A 220 -10.54 -4.55 14.07
C TYR A 220 -9.48 -3.45 14.03
N GLY A 221 -9.94 -2.19 13.97
CA GLY A 221 -9.01 -1.06 13.99
C GLY A 221 -7.89 -1.18 12.99
N THR A 222 -8.20 -1.73 11.81
CA THR A 222 -7.18 -2.10 10.83
C THR A 222 -7.21 -1.12 9.67
N ALA A 223 -6.15 -0.33 9.56
CA ALA A 223 -5.94 0.58 8.45
C ALA A 223 -4.44 0.68 8.23
N ASN A 224 -4.05 1.24 7.09
CA ASN A 224 -2.63 1.27 6.75
C ASN A 224 -2.38 2.29 5.66
N ASP A 225 -1.10 2.45 5.34
CA ASP A 225 -0.62 3.35 4.30
C ASP A 225 0.85 3.03 4.05
N TYR A 226 1.23 2.98 2.77
CA TYR A 226 2.64 2.88 2.39
C TYR A 226 2.93 3.91 1.32
N ALA A 227 4.14 4.46 1.35
CA ALA A 227 4.45 5.59 0.49
C ALA A 227 5.92 5.62 0.14
N VAL A 228 6.22 6.24 -1.00
CA VAL A 228 7.53 6.76 -1.34
C VAL A 228 7.43 8.28 -1.29
N VAL A 229 8.30 8.90 -0.51
CA VAL A 229 8.30 10.36 -0.36
C VAL A 229 9.69 10.88 -0.72
N TRP A 230 9.72 12.01 -1.41
CA TRP A 230 10.97 12.62 -1.85
C TRP A 230 11.20 13.92 -1.08
N PRO A 231 12.12 13.96 -0.13
CA PRO A 231 12.56 15.26 0.40
C PRO A 231 13.15 16.10 -0.72
N THR A 232 12.89 17.40 -0.67
CA THR A 232 13.35 18.30 -1.73
C THR A 232 14.86 18.26 -1.87
N GLY A 233 15.34 17.69 -2.98
CA GLY A 233 16.76 17.63 -3.25
C GLY A 233 17.49 16.45 -2.64
N ARG A 234 16.79 15.56 -1.94
CA ARG A 234 17.42 14.43 -1.25
C ARG A 234 16.91 13.11 -1.80
N ALA A 235 17.59 12.03 -1.41
CA ALA A 235 17.19 10.70 -1.81
C ALA A 235 15.82 10.35 -1.21
N PRO A 236 15.00 9.58 -1.92
CA PRO A 236 13.65 9.29 -1.43
C PRO A 236 13.68 8.34 -0.24
N ILE A 237 12.55 8.34 0.48
CA ILE A 237 12.32 7.45 1.61
C ILE A 237 11.10 6.59 1.29
N VAL A 238 11.18 5.31 1.65
CA VAL A 238 10.08 4.37 1.47
C VAL A 238 9.66 3.88 2.84
N LEU A 239 8.35 3.84 3.09
CA LEU A 239 7.86 3.50 4.41
C LEU A 239 6.48 2.89 4.34
N ALA A 240 6.15 2.08 5.35
CA ALA A 240 4.86 1.40 5.45
C ALA A 240 4.42 1.46 6.90
N VAL A 241 3.17 1.88 7.12
CA VAL A 241 2.57 1.93 8.45
C VAL A 241 1.29 1.12 8.41
N TYR A 242 1.23 0.08 9.26
CA TYR A 242 0.08 -0.82 9.31
C TYR A 242 -0.40 -0.94 10.74
N THR A 243 -1.72 -0.98 10.95
CA THR A 243 -2.30 -1.09 12.27
C THR A 243 -3.35 -2.21 12.30
N ARG A 244 -3.61 -2.68 13.51
CA ARG A 244 -4.71 -3.62 13.79
C ARG A 244 -5.03 -3.52 15.28
N ALA A 245 -6.15 -4.13 15.66
CA ALA A 245 -6.66 -3.99 17.03
C ALA A 245 -7.40 -5.26 17.40
N PRO A 246 -7.54 -5.54 18.70
CA PRO A 246 -8.08 -6.85 19.10
C PRO A 246 -9.58 -7.03 18.86
N ASN A 247 -10.38 -5.98 18.97
CA ASN A 247 -11.83 -6.11 18.91
C ASN A 247 -12.37 -5.69 17.54
N LYS A 248 -13.38 -6.41 17.07
CA LYS A 248 -13.97 -6.11 15.76
C LYS A 248 -14.51 -4.69 15.71
N ASP A 249 -15.11 -4.23 16.81
CA ASP A 249 -15.69 -2.89 16.86
C ASP A 249 -14.65 -1.80 17.10
N ASP A 250 -13.38 -2.17 17.34
CA ASP A 250 -12.33 -1.16 17.49
C ASP A 250 -12.21 -0.36 16.20
N LYS A 251 -11.98 0.94 16.35
CA LYS A 251 -11.92 1.84 15.21
C LYS A 251 -10.47 2.18 14.88
N HIS A 252 -10.17 2.26 13.58
CA HIS A 252 -8.87 2.70 13.14
C HIS A 252 -8.73 4.21 13.37
N SER A 253 -7.50 4.70 13.26
CA SER A 253 -7.22 6.12 13.42
C SER A 253 -6.22 6.55 12.36
N GLU A 254 -6.66 7.47 11.49
CA GLU A 254 -5.73 8.06 10.52
C GLU A 254 -4.66 8.87 11.23
N ALA A 255 -5.04 9.58 12.30
CA ALA A 255 -4.07 10.35 13.05
C ALA A 255 -2.95 9.46 13.60
N VAL A 256 -3.31 8.27 14.06
CA VAL A 256 -2.30 7.34 14.58
C VAL A 256 -1.35 6.93 13.47
N ILE A 257 -1.87 6.74 12.26
CA ILE A 257 -1.00 6.39 11.13
C ILE A 257 -0.07 7.55 10.80
N ALA A 258 -0.61 8.77 10.79
CA ALA A 258 0.23 9.94 10.54
C ALA A 258 1.26 10.12 11.65
N ALA A 259 0.86 9.89 12.90
CA ALA A 259 1.79 10.04 14.02
C ALA A 259 2.91 9.01 13.96
N ALA A 260 2.58 7.78 13.52
CA ALA A 260 3.61 6.76 13.38
C ALA A 260 4.58 7.08 12.26
N ALA A 261 4.06 7.64 11.15
CA ALA A 261 4.95 8.03 10.05
C ALA A 261 5.92 9.12 10.50
N ARG A 262 5.45 10.08 11.29
CA ARG A 262 6.33 11.12 11.82
C ARG A 262 7.43 10.53 12.68
N LEU A 263 7.07 9.59 13.55
CA LEU A 263 8.07 8.95 14.40
C LEU A 263 9.13 8.24 13.57
N ALA A 264 8.70 7.50 12.54
CA ALA A 264 9.65 6.81 11.68
C ALA A 264 10.58 7.79 10.99
N LEU A 265 10.02 8.88 10.45
CA LEU A 265 10.85 9.90 9.83
C LEU A 265 11.79 10.54 10.85
N GLU A 266 11.28 10.80 12.06
CA GLU A 266 12.14 11.36 13.10
C GLU A 266 13.29 10.43 13.45
N GLY A 267 13.02 9.11 13.47
CA GLY A 267 14.08 8.16 13.75
C GLY A 267 15.11 8.09 12.64
N LEU A 268 14.67 8.23 11.38
CA LEU A 268 15.59 8.17 10.26
C LEU A 268 16.56 9.35 10.25
N GLY A 269 16.10 10.53 10.67
CA GLY A 269 16.96 11.70 10.68
C GLY A 269 16.38 12.90 9.98
N VAL A 270 15.20 12.74 9.38
CA VAL A 270 14.49 13.84 8.75
C VAL A 270 13.33 14.25 9.66
N ASN A 271 12.80 15.44 9.43
CA ASN A 271 11.84 16.03 10.36
C ASN A 271 10.45 15.46 10.15
N GLY A 272 9.82 15.02 11.23
CA GLY A 272 8.46 14.51 11.18
C GLY A 272 7.55 15.25 12.16
C1 GOL B . 10.16 12.26 -8.30
O1 GOL B . 9.18 12.99 -7.63
C2 GOL B . 9.43 11.16 -9.10
O2 GOL B . 8.48 11.68 -9.97
C3 GOL B . 10.55 10.40 -9.84
O3 GOL B . 10.04 10.10 -11.11
C1 GOL C . -9.98 7.46 -13.81
O1 GOL C . -9.55 6.13 -13.70
C2 GOL C . -10.40 7.70 -15.28
O2 GOL C . -11.58 7.05 -15.60
C3 GOL C . -10.53 9.23 -15.42
O3 GOL C . -9.24 9.73 -15.47
C1 GOL D . -1.87 -11.61 12.04
O1 GOL D . -1.20 -11.67 13.26
C2 GOL D . -2.71 -10.32 12.06
O2 GOL D . -3.32 -10.07 10.83
C3 GOL D . -3.76 -10.56 13.16
O3 GOL D . -3.06 -10.75 14.35
C11 M53 E . -14.88 3.58 1.52
C13 M53 E . -15.40 5.00 3.47
C15 M53 E . -16.51 4.03 3.82
C18 M53 E . -13.39 0.18 1.74
C19 M53 E . -13.18 -0.67 0.66
O01 M53 E . -12.20 3.59 1.26
C02 M53 E . -12.12 2.40 1.36
C04 M53 E . -9.81 2.36 1.48
C09 M53 E . -13.37 1.68 1.80
C14 M53 E . -14.77 5.56 4.72
C16 M53 E . -15.86 6.20 2.67
C20 M53 E . -13.23 -2.05 0.86
C21 M53 E . -13.52 -2.55 2.14
C22 M53 E . -13.74 -1.73 3.18
C23 M53 E . -13.66 -0.36 2.95
C25 M53 E . -14.33 0.47 5.07
C26 M53 E . -14.45 1.52 6.15
C27 M53 E . -13.91 2.78 6.04
C28 M53 E . -14.07 3.69 7.05
C29 M53 E . -14.74 3.38 8.20
C30 M53 E . -15.32 2.17 8.35
C31 M53 E . -16.03 1.85 9.63
C35 M53 E . -15.15 1.25 7.32
C37 M53 E . -13.35 1.85 3.28
F32 M53 E . -15.10 1.82 10.55
F33 M53 E . -16.99 2.69 10.02
F34 M53 E . -16.57 0.66 9.54
N03 M53 E . -10.97 1.75 1.14
N05 M53 E . -9.78 3.27 2.39
N06 M53 E . -8.50 3.59 2.50
N07 M53 E . -7.87 2.91 1.54
N08 M53 E . -8.71 2.14 0.91
N10 M53 E . -14.55 2.30 1.25
N24 M53 E . -13.82 0.64 3.88
O12 M53 E . -14.50 4.24 2.73
O17 M53 E . -15.49 4.29 0.79
O36 M53 E . -14.81 -0.59 5.36
#